data_5T8E
#
_entry.id   5T8E
#
_cell.length_a   53.804
_cell.length_b   66.195
_cell.length_c   70.932
_cell.angle_alpha   90.000
_cell.angle_beta   90.000
_cell.angle_gamma   90.000
#
_symmetry.space_group_name_H-M   'P 21 21 21'
#
loop_
_entity.id
_entity.type
_entity.pdbx_description
1 polymer 'Androgen receptor'
2 non-polymer GLYCEROL
3 non-polymer 2-chloro-4-[(2S,3S)-3-hydroxy-2-methylpyrrolidin-1-yl]-3-methylbenzonitrile
4 water water
#
_entity_poly.entity_id   1
_entity_poly.type   'polypeptide(L)'
_entity_poly.pdbx_seq_one_letter_code
;MHHHHHHGSPIFLNVLEAIEPGVVCAGHDNNQPDSFAALLSSLNELGERQLVHVVKWAKALPGFRNLHVDDQMAVIQYSW
MGLMVFAMGWRSFTNVNSRMLYFAPDLVFNEYRMHKSRMYSQCVRMRHLSQEFGWLQITPQEFLCMKALLLFSIIPVDGL
KNQKFFDELRMNYIKELDRIIACKRKNPTSCSRRFYQLTKLLDSVQPIARELHQFTFDLLIKSHMVSVDFPEMMAEIISV
QVPKILSGKVKPIYFHTQ
;
_entity_poly.pdbx_strand_id   A
#
loop_
_chem_comp.id
_chem_comp.type
_chem_comp.name
_chem_comp.formula
77U non-polymer 2-chloro-4-[(2S,3S)-3-hydroxy-2-methylpyrrolidin-1-yl]-3-methylbenzonitrile 'C13 H15 Cl N2 O'
GOL non-polymer GLYCEROL 'C3 H8 O3'
#
# COMPACT_ATOMS: atom_id res chain seq x y z
N PRO A 10 -12.96 -22.64 -2.73
CA PRO A 10 -12.02 -21.53 -2.48
C PRO A 10 -12.56 -20.18 -2.96
N ILE A 11 -13.76 -19.83 -2.49
CA ILE A 11 -14.51 -18.70 -3.01
C ILE A 11 -13.79 -17.36 -2.79
N PHE A 12 -13.43 -17.08 -1.55
CA PHE A 12 -12.75 -15.84 -1.20
C PHE A 12 -11.54 -15.55 -2.08
N LEU A 13 -10.65 -16.54 -2.19
CA LEU A 13 -9.42 -16.37 -2.97
C LEU A 13 -9.70 -16.23 -4.44
N ASN A 14 -10.73 -16.94 -4.93
CA ASN A 14 -11.21 -16.74 -6.29
C ASN A 14 -11.47 -15.28 -6.59
N VAL A 15 -12.21 -14.61 -5.70
CA VAL A 15 -12.54 -13.22 -5.89
C VAL A 15 -11.27 -12.37 -5.95
N LEU A 16 -10.41 -12.51 -4.94
CA LEU A 16 -9.23 -11.66 -4.86
C LEU A 16 -8.35 -11.75 -6.09
N GLU A 17 -8.13 -12.97 -6.59
CA GLU A 17 -7.32 -13.12 -7.78
C GLU A 17 -8.04 -12.51 -8.99
N ALA A 18 -9.35 -12.73 -9.07
CA ALA A 18 -10.14 -12.23 -10.18
C ALA A 18 -10.08 -10.70 -10.29
N ILE A 19 -10.14 -10.04 -9.14
CA ILE A 19 -10.15 -8.56 -9.08
C ILE A 19 -8.76 -7.93 -8.98
N GLU A 20 -7.70 -8.72 -8.98
CA GLU A 20 -6.36 -8.18 -8.79
C GLU A 20 -5.98 -7.34 -10.01
N PRO A 21 -5.56 -6.08 -9.78
CA PRO A 21 -5.32 -5.23 -10.96
C PRO A 21 -4.18 -5.74 -11.82
N GLY A 22 -4.16 -5.32 -13.07
CA GLY A 22 -3.11 -5.68 -13.99
C GLY A 22 -2.04 -4.60 -14.05
N VAL A 23 -1.39 -4.50 -15.20
CA VAL A 23 -0.25 -3.63 -15.34
C VAL A 23 -0.71 -2.19 -15.45
N VAL A 24 -0.01 -1.29 -14.76
CA VAL A 24 -0.31 0.13 -14.81
C VAL A 24 0.99 0.85 -15.09
N CYS A 25 1.10 1.44 -16.28
CA CYS A 25 2.30 2.17 -16.67
C CYS A 25 2.25 3.60 -16.11
N ALA A 26 3.41 4.19 -15.86
CA ALA A 26 3.50 5.54 -15.35
C ALA A 26 3.36 6.61 -16.45
N GLY A 27 3.90 6.33 -17.63
CA GLY A 27 3.97 7.29 -18.74
C GLY A 27 5.35 7.96 -18.87
N HIS A 28 6.33 7.45 -18.12
CA HIS A 28 7.60 8.13 -17.92
C HIS A 28 8.51 8.06 -19.14
N ASP A 29 9.25 9.12 -19.41
CA ASP A 29 10.15 9.17 -20.56
C ASP A 29 11.58 8.71 -20.19
N ASN A 30 11.80 7.39 -20.27
CA ASN A 30 13.09 6.79 -19.88
C ASN A 30 14.29 7.13 -20.78
N ASN A 31 14.06 7.93 -21.82
CA ASN A 31 15.14 8.39 -22.69
C ASN A 31 15.61 9.80 -22.37
N GLN A 32 15.03 10.40 -21.32
CA GLN A 32 15.54 11.67 -20.80
C GLN A 32 16.39 11.44 -19.55
N PRO A 33 17.43 12.28 -19.35
CA PRO A 33 18.28 12.09 -18.17
C PRO A 33 17.51 12.33 -16.89
N ASP A 34 17.63 11.39 -15.95
CA ASP A 34 16.88 11.43 -14.69
C ASP A 34 17.03 12.75 -13.98
N SER A 35 15.97 13.16 -13.30
CA SER A 35 15.99 14.42 -12.59
C SER A 35 14.86 14.38 -11.59
N PHE A 36 15.02 15.14 -10.51
CA PHE A 36 14.04 15.15 -9.45
C PHE A 36 12.64 15.41 -10.00
N ALA A 37 12.48 16.51 -10.70
CA ALA A 37 11.17 16.95 -11.19
C ALA A 37 10.52 15.92 -12.14
N ALA A 38 11.31 15.35 -13.05
CA ALA A 38 10.80 14.33 -13.96
C ALA A 38 10.42 13.06 -13.20
N LEU A 39 11.29 12.62 -12.30
CA LEU A 39 11.03 11.44 -11.47
C LEU A 39 9.75 11.55 -10.64
N LEU A 40 9.66 12.60 -9.82
CA LEU A 40 8.51 12.76 -8.93
C LEU A 40 7.20 13.05 -9.66
N SER A 41 7.25 13.87 -10.72
CA SER A 41 6.09 14.04 -11.58
C SER A 41 5.55 12.71 -12.08
N SER A 42 6.45 11.83 -12.55
CA SER A 42 6.02 10.53 -13.04
C SER A 42 5.45 9.67 -11.94
N LEU A 43 6.07 9.66 -10.76
CA LEU A 43 5.50 8.94 -9.62
C LEU A 43 4.10 9.43 -9.25
N ASN A 44 3.92 10.75 -9.22
CA ASN A 44 2.60 11.36 -8.94
C ASN A 44 1.52 10.99 -9.96
N GLU A 45 1.85 11.05 -11.24
CA GLU A 45 0.93 10.58 -12.27
C GLU A 45 0.61 9.11 -12.02
N LEU A 46 1.63 8.33 -11.67
CA LEU A 46 1.44 6.91 -11.40
C LEU A 46 0.53 6.71 -10.17
N GLY A 47 0.74 7.50 -9.13
CA GLY A 47 -0.12 7.47 -7.95
C GLY A 47 -1.58 7.75 -8.31
N GLU A 48 -1.81 8.70 -9.20
CA GLU A 48 -3.17 9.00 -9.68
C GLU A 48 -3.79 7.78 -10.37
N ARG A 49 -3.02 7.17 -11.27
CA ARG A 49 -3.45 5.98 -11.99
C ARG A 49 -3.65 4.78 -11.04
N GLN A 50 -2.73 4.59 -10.10
CA GLN A 50 -2.87 3.52 -9.13
C GLN A 50 -4.11 3.72 -8.26
N LEU A 51 -4.40 4.98 -7.94
CA LEU A 51 -5.54 5.32 -7.10
C LEU A 51 -6.88 4.96 -7.75
N VAL A 52 -7.02 5.23 -9.05
CA VAL A 52 -8.23 4.88 -9.78
C VAL A 52 -8.46 3.37 -9.69
N HIS A 53 -7.39 2.61 -9.88
CA HIS A 53 -7.47 1.16 -9.86
C HIS A 53 -7.79 0.63 -8.46
N VAL A 54 -7.18 1.22 -7.44
CA VAL A 54 -7.46 0.82 -6.08
C VAL A 54 -8.93 1.08 -5.73
N VAL A 55 -9.50 2.13 -6.28
CA VAL A 55 -10.90 2.45 -6.03
C VAL A 55 -11.79 1.33 -6.58
N LYS A 56 -11.56 0.95 -7.83
CA LYS A 56 -12.34 -0.10 -8.45
C LYS A 56 -12.10 -1.46 -7.80
N TRP A 57 -10.89 -1.69 -7.33
CA TRP A 57 -10.54 -2.94 -6.66
C TRP A 57 -11.25 -3.03 -5.32
N ALA A 58 -11.13 -1.95 -4.54
CA ALA A 58 -11.78 -1.84 -3.24
C ALA A 58 -13.28 -2.15 -3.34
N LYS A 59 -13.97 -1.50 -4.27
CA LYS A 59 -15.42 -1.62 -4.36
C LYS A 59 -15.88 -3.04 -4.76
N ALA A 60 -15.02 -3.78 -5.44
CA ALA A 60 -15.30 -5.15 -5.80
C ALA A 60 -14.93 -6.15 -4.68
N LEU A 61 -14.41 -5.66 -3.56
CA LEU A 61 -14.06 -6.57 -2.48
C LEU A 61 -15.31 -7.13 -1.83
N PRO A 62 -15.26 -8.39 -1.40
CA PRO A 62 -16.37 -9.00 -0.67
C PRO A 62 -16.79 -8.19 0.55
N GLY A 63 -18.08 -7.87 0.62
CA GLY A 63 -18.66 -7.17 1.77
C GLY A 63 -18.30 -5.70 1.91
N PHE A 64 -17.58 -5.14 0.93
CA PHE A 64 -17.09 -3.77 1.07
C PHE A 64 -18.21 -2.73 1.00
N ARG A 65 -19.20 -2.96 0.15
CA ARG A 65 -20.30 -2.01 0.01
C ARG A 65 -21.29 -2.03 1.18
N ASN A 66 -21.06 -2.90 2.16
CA ASN A 66 -21.77 -2.79 3.45
C ASN A 66 -21.40 -1.52 4.15
N LEU A 67 -20.16 -1.07 3.94
CA LEU A 67 -19.71 0.19 4.51
C LEU A 67 -20.53 1.33 3.96
N HIS A 68 -20.85 2.26 4.85
CA HIS A 68 -21.38 3.56 4.50
C HIS A 68 -20.56 4.21 3.38
N VAL A 69 -21.22 4.99 2.54
CA VAL A 69 -20.59 5.54 1.33
C VAL A 69 -19.35 6.38 1.63
N ASP A 70 -19.47 7.26 2.62
CA ASP A 70 -18.35 8.13 3.02
C ASP A 70 -17.21 7.38 3.66
N ASP A 71 -17.51 6.34 4.42
CA ASP A 71 -16.47 5.48 4.99
C ASP A 71 -15.68 4.77 3.89
N GLN A 72 -16.37 4.39 2.82
CA GLN A 72 -15.73 3.73 1.70
C GLN A 72 -14.61 4.57 1.11
N MET A 73 -14.93 5.80 0.73
CA MET A 73 -13.89 6.65 0.14
C MET A 73 -12.78 7.01 1.14
N ALA A 74 -13.17 7.24 2.38
CA ALA A 74 -12.20 7.55 3.42
C ALA A 74 -11.19 6.41 3.61
N VAL A 75 -11.73 5.21 3.84
CA VAL A 75 -10.93 4.01 4.00
C VAL A 75 -9.98 3.85 2.82
N ILE A 76 -10.47 4.06 1.60
CA ILE A 76 -9.64 4.02 0.41
C ILE A 76 -8.54 5.10 0.49
N GLN A 77 -8.94 6.34 0.78
CA GLN A 77 -7.99 7.46 0.81
C GLN A 77 -6.90 7.31 1.87
N TYR A 78 -7.25 6.85 3.07
CA TYR A 78 -6.26 6.70 4.14
C TYR A 78 -5.29 5.56 3.86
N SER A 79 -5.77 4.46 3.26
CA SER A 79 -4.94 3.27 2.99
C SER A 79 -4.15 3.29 1.67
N TRP A 80 -4.53 4.21 0.78
CA TRP A 80 -3.99 4.25 -0.57
C TRP A 80 -2.48 4.14 -0.66
N MET A 81 -1.75 4.89 0.16
CA MET A 81 -0.29 4.84 0.12
C MET A 81 0.27 3.46 0.50
N GLY A 82 -0.18 2.93 1.64
CA GLY A 82 0.25 1.62 2.13
C GLY A 82 0.00 0.50 1.15
N LEU A 83 -1.21 0.51 0.57
CA LEU A 83 -1.59 -0.46 -0.45
C LEU A 83 -0.68 -0.35 -1.65
N MET A 84 -0.42 0.87 -2.10
CA MET A 84 0.52 1.07 -3.21
C MET A 84 1.88 0.48 -2.86
N VAL A 85 2.41 0.89 -1.71
CA VAL A 85 3.71 0.43 -1.25
C VAL A 85 3.76 -1.10 -1.18
N PHE A 86 2.69 -1.70 -0.68
CA PHE A 86 2.66 -3.15 -0.51
C PHE A 86 2.70 -3.89 -1.84
N ALA A 87 1.82 -3.50 -2.75
CA ALA A 87 1.76 -4.14 -4.07
C ALA A 87 3.01 -3.83 -4.88
N MET A 88 3.58 -2.64 -4.69
CA MET A 88 4.80 -2.27 -5.41
C MET A 88 5.96 -3.19 -4.99
N GLY A 89 6.04 -3.51 -3.70
CA GLY A 89 7.05 -4.43 -3.18
C GLY A 89 6.92 -5.83 -3.74
N TRP A 90 5.67 -6.28 -3.90
CA TRP A 90 5.40 -7.57 -4.51
C TRP A 90 5.91 -7.63 -5.96
N ARG A 91 5.54 -6.63 -6.75
CA ARG A 91 6.05 -6.50 -8.12
C ARG A 91 7.58 -6.53 -8.14
N SER A 92 8.21 -5.80 -7.22
CA SER A 92 9.65 -5.76 -7.13
C SER A 92 10.20 -7.14 -6.77
N PHE A 93 9.55 -7.79 -5.82
CA PHE A 93 9.92 -9.14 -5.43
C PHE A 93 9.82 -10.08 -6.63
N THR A 94 8.68 -10.07 -7.32
CA THR A 94 8.43 -11.03 -8.40
C THR A 94 9.14 -10.74 -9.72
N ASN A 95 9.50 -9.49 -9.98
CA ASN A 95 10.08 -9.10 -11.28
C ASN A 95 11.57 -8.83 -11.28
N VAL A 96 12.16 -8.52 -10.12
CA VAL A 96 13.59 -8.21 -10.06
C VAL A 96 14.27 -8.70 -8.77
N ASN A 97 13.66 -9.65 -8.07
CA ASN A 97 14.21 -10.15 -6.80
C ASN A 97 14.53 -9.04 -5.81
N SER A 98 13.74 -7.97 -5.82
CA SER A 98 13.92 -6.91 -4.84
C SER A 98 15.26 -6.18 -4.96
N ARG A 99 15.87 -6.17 -6.15
CA ARG A 99 17.12 -5.44 -6.39
C ARG A 99 16.83 -3.94 -6.65
N MET A 100 15.69 -3.70 -7.27
CA MET A 100 15.26 -2.37 -7.67
C MET A 100 13.78 -2.23 -7.36
N LEU A 101 13.29 -1.00 -7.25
CA LEU A 101 11.87 -0.77 -6.97
C LEU A 101 11.09 -0.74 -8.27
N TYR A 102 10.14 -1.65 -8.40
CA TYR A 102 9.40 -1.84 -9.65
C TYR A 102 8.08 -1.11 -9.55
N PHE A 103 8.16 0.21 -9.63
CA PHE A 103 6.96 1.03 -9.54
C PHE A 103 6.04 0.72 -10.71
N ALA A 104 6.62 0.66 -11.91
CA ALA A 104 5.87 0.33 -13.12
C ALA A 104 6.82 -0.20 -14.17
N PRO A 105 6.30 -0.92 -15.18
CA PRO A 105 7.20 -1.43 -16.21
C PRO A 105 8.13 -0.37 -16.74
N ASP A 106 7.59 0.84 -16.94
CA ASP A 106 8.36 1.97 -17.46
C ASP A 106 8.90 2.92 -16.39
N LEU A 107 8.90 2.50 -15.13
CA LEU A 107 9.43 3.29 -14.02
C LEU A 107 9.99 2.35 -12.95
N VAL A 108 11.23 1.96 -13.15
CA VAL A 108 11.91 1.01 -12.29
C VAL A 108 13.09 1.76 -11.69
N PHE A 109 13.21 1.75 -10.36
CA PHE A 109 14.22 2.55 -9.68
C PHE A 109 15.45 1.72 -9.37
N ASN A 110 16.54 2.07 -10.05
CA ASN A 110 17.86 1.70 -9.61
C ASN A 110 18.32 2.65 -8.52
N GLU A 111 19.55 2.44 -8.02
CA GLU A 111 20.12 3.23 -6.93
C GLU A 111 20.22 4.72 -7.27
N TYR A 112 20.56 4.99 -8.52
CA TYR A 112 20.77 6.35 -8.99
C TYR A 112 19.46 7.16 -9.00
N ARG A 113 18.36 6.52 -9.35
CA ARG A 113 17.08 7.18 -9.30
C ARG A 113 16.60 7.29 -7.87
N MET A 114 16.93 6.32 -7.04
CA MET A 114 16.67 6.41 -5.60
C MET A 114 17.28 7.69 -5.01
N HIS A 115 18.46 8.03 -5.49
CA HIS A 115 19.15 9.21 -5.04
C HIS A 115 18.55 10.46 -5.68
N LYS A 116 18.32 10.43 -7.00
CA LYS A 116 17.88 11.62 -7.74
C LYS A 116 16.46 12.05 -7.38
N SER A 117 15.68 11.10 -6.87
CA SER A 117 14.34 11.36 -6.40
C SER A 117 14.33 12.00 -5.01
N ARG A 118 15.49 11.99 -4.35
CA ARG A 118 15.64 12.48 -3.00
C ARG A 118 14.80 11.68 -2.01
N MET A 119 14.51 10.43 -2.37
CA MET A 119 13.69 9.56 -1.53
C MET A 119 14.49 8.35 -1.07
N TYR A 120 15.81 8.47 -1.02
CA TYR A 120 16.65 7.30 -0.81
C TYR A 120 16.25 6.58 0.49
N SER A 121 16.10 7.34 1.58
CA SER A 121 15.80 6.73 2.88
C SER A 121 14.47 6.00 2.84
N GLN A 122 13.55 6.52 2.06
CA GLN A 122 12.22 5.94 1.92
C GLN A 122 12.27 4.74 1.03
N CYS A 123 13.03 4.85 -0.06
CA CYS A 123 13.18 3.75 -1.00
C CYS A 123 13.87 2.57 -0.34
N VAL A 124 14.90 2.83 0.46
CA VAL A 124 15.59 1.76 1.20
C VAL A 124 14.62 0.97 2.06
N ARG A 125 13.72 1.66 2.75
CA ARG A 125 12.75 0.98 3.59
C ARG A 125 11.82 0.14 2.74
N MET A 126 11.33 0.71 1.64
CA MET A 126 10.48 0.01 0.68
C MET A 126 11.14 -1.25 0.11
N ARG A 127 12.43 -1.17 -0.23
CA ARG A 127 13.15 -2.35 -0.73
C ARG A 127 13.28 -3.44 0.36
N HIS A 128 13.39 -3.01 1.61
CA HIS A 128 13.49 -3.94 2.71
C HIS A 128 12.21 -4.80 2.80
N LEU A 129 11.06 -4.13 2.82
CA LEU A 129 9.78 -4.79 2.72
C LEU A 129 9.73 -5.80 1.56
N SER A 130 10.20 -5.36 0.40
CA SER A 130 10.26 -6.24 -0.75
C SER A 130 11.08 -7.50 -0.46
N GLN A 131 12.26 -7.33 0.11
CA GLN A 131 13.11 -8.48 0.48
C GLN A 131 12.42 -9.44 1.47
N GLU A 132 11.56 -8.89 2.32
CA GLU A 132 10.82 -9.71 3.28
C GLU A 132 9.90 -10.73 2.60
N PHE A 133 9.35 -10.41 1.43
CA PHE A 133 8.51 -11.39 0.75
C PHE A 133 9.33 -12.65 0.44
N GLY A 134 10.60 -12.45 0.10
CA GLY A 134 11.50 -13.57 -0.21
C GLY A 134 11.99 -14.27 1.04
N TRP A 135 12.45 -13.48 2.01
CA TRP A 135 12.90 -14.01 3.31
C TRP A 135 11.83 -14.86 3.99
N LEU A 136 10.58 -14.39 3.96
CA LEU A 136 9.45 -15.15 4.53
C LEU A 136 8.83 -16.17 3.57
N GLN A 137 9.28 -16.19 2.31
CA GLN A 137 8.61 -16.98 1.27
C GLN A 137 7.10 -16.76 1.27
N ILE A 138 6.67 -15.51 1.23
CA ILE A 138 5.25 -15.21 1.20
C ILE A 138 4.62 -15.80 -0.06
N THR A 139 3.62 -16.68 0.11
CA THR A 139 2.89 -17.21 -1.04
C THR A 139 2.08 -16.09 -1.68
N PRO A 140 1.76 -16.22 -2.99
CA PRO A 140 0.90 -15.22 -3.66
C PRO A 140 -0.50 -15.09 -3.02
N GLN A 141 -0.96 -16.18 -2.42
CA GLN A 141 -2.26 -16.22 -1.76
C GLN A 141 -2.21 -15.46 -0.44
N GLU A 142 -1.09 -15.56 0.25
CA GLU A 142 -0.87 -14.80 1.48
C GLU A 142 -0.79 -13.31 1.18
N PHE A 143 -0.11 -12.97 0.09
CA PHE A 143 -0.06 -11.58 -0.37
C PHE A 143 -1.45 -10.97 -0.63
N LEU A 144 -2.32 -11.72 -1.31
CA LEU A 144 -3.63 -11.16 -1.66
C LEU A 144 -4.46 -10.88 -0.43
N CYS A 145 -4.54 -11.84 0.49
CA CYS A 145 -5.31 -11.65 1.72
C CYS A 145 -4.69 -10.58 2.61
N MET A 146 -3.38 -10.50 2.63
CA MET A 146 -2.70 -9.45 3.39
C MET A 146 -3.02 -8.08 2.84
N LYS A 147 -2.97 -7.96 1.53
CA LYS A 147 -3.24 -6.66 0.89
C LYS A 147 -4.68 -6.25 1.11
N ALA A 148 -5.59 -7.20 0.99
CA ALA A 148 -7.01 -6.93 1.25
C ALA A 148 -7.15 -6.37 2.66
N LEU A 149 -6.44 -6.97 3.60
CA LEU A 149 -6.50 -6.55 4.99
C LEU A 149 -5.88 -5.18 5.26
N LEU A 150 -4.82 -4.85 4.53
CA LEU A 150 -4.25 -3.52 4.60
C LEU A 150 -5.29 -2.42 4.41
N LEU A 151 -6.25 -2.64 3.50
CA LEU A 151 -7.30 -1.66 3.27
C LEU A 151 -8.07 -1.30 4.54
N PHE A 152 -8.15 -2.23 5.49
CA PHE A 152 -8.90 -2.02 6.72
C PHE A 152 -7.98 -1.83 7.92
N SER A 153 -6.89 -1.10 7.72
CA SER A 153 -5.87 -0.98 8.76
C SER A 153 -5.55 0.45 9.16
N ILE A 154 -6.48 1.36 8.96
CA ILE A 154 -6.22 2.76 9.29
C ILE A 154 -7.50 3.59 9.28
N ILE A 155 -7.90 4.04 10.47
CA ILE A 155 -9.19 4.72 10.66
C ILE A 155 -9.05 5.99 11.50
N PRO A 156 -10.05 6.89 11.43
CA PRO A 156 -10.07 7.99 12.39
C PRO A 156 -10.13 7.46 13.81
N VAL A 157 -9.31 8.03 14.69
CA VAL A 157 -9.41 7.72 16.13
C VAL A 157 -10.84 7.97 16.64
N ASP A 158 -11.51 8.98 16.08
CA ASP A 158 -12.91 9.26 16.41
C ASP A 158 -13.89 8.30 15.79
N GLY A 159 -13.40 7.38 14.98
CA GLY A 159 -14.22 6.32 14.40
C GLY A 159 -14.91 6.72 13.10
N LEU A 160 -15.32 5.70 12.37
CA LEU A 160 -16.05 5.87 11.12
C LEU A 160 -17.51 6.25 11.36
N LYS A 161 -18.20 6.58 10.26
CA LYS A 161 -19.63 6.90 10.32
C LYS A 161 -20.44 5.71 10.78
N ASN A 162 -20.13 4.52 10.27
CA ASN A 162 -20.66 3.29 10.86
C ASN A 162 -19.57 2.26 11.14
N GLN A 163 -19.07 2.29 12.36
CA GLN A 163 -17.96 1.44 12.78
C GLN A 163 -18.31 -0.05 12.83
N LYS A 164 -19.53 -0.39 13.20
CA LYS A 164 -19.90 -1.80 13.34
C LYS A 164 -19.58 -2.60 12.08
N PHE A 165 -20.00 -2.10 10.93
CA PHE A 165 -19.80 -2.82 9.67
C PHE A 165 -18.32 -2.93 9.33
N PHE A 166 -17.54 -1.91 9.68
CA PHE A 166 -16.08 -1.96 9.47
C PHE A 166 -15.38 -3.05 10.31
N ASP A 167 -15.73 -3.12 11.58
CA ASP A 167 -15.13 -4.09 12.48
C ASP A 167 -15.46 -5.53 12.09
N GLU A 168 -16.68 -5.71 11.60
CA GLU A 168 -17.14 -7.00 11.11
C GLU A 168 -16.33 -7.41 9.87
N LEU A 169 -16.14 -6.47 8.93
CA LEU A 169 -15.33 -6.74 7.75
C LEU A 169 -13.90 -7.06 8.12
N ARG A 170 -13.30 -6.22 8.96
CA ARG A 170 -11.92 -6.44 9.40
C ARG A 170 -11.75 -7.82 10.05
N MET A 171 -12.64 -8.14 10.98
CA MET A 171 -12.62 -9.45 11.64
C MET A 171 -12.62 -10.58 10.62
N ASN A 172 -13.51 -10.49 9.64
CA ASN A 172 -13.65 -11.55 8.63
C ASN A 172 -12.46 -11.67 7.68
N TYR A 173 -11.83 -10.55 7.36
CA TYR A 173 -10.61 -10.57 6.55
C TYR A 173 -9.41 -11.10 7.32
N ILE A 174 -9.39 -10.93 8.63
CA ILE A 174 -8.39 -11.59 9.48
C ILE A 174 -8.58 -13.12 9.45
N LYS A 175 -9.82 -13.56 9.52
CA LYS A 175 -10.15 -14.98 9.51
C LYS A 175 -9.79 -15.65 8.18
N GLU A 176 -9.95 -14.92 7.09
CA GLU A 176 -9.65 -15.46 5.78
C GLU A 176 -8.15 -15.59 5.59
N LEU A 177 -7.42 -14.60 6.12
CA LEU A 177 -5.96 -14.67 6.14
C LEU A 177 -5.46 -15.84 6.99
N ASP A 178 -6.15 -16.13 8.08
CA ASP A 178 -5.79 -17.20 8.98
C ASP A 178 -5.99 -18.57 8.34
N ARG A 179 -7.02 -18.69 7.51
CA ARG A 179 -7.32 -19.94 6.80
C ARG A 179 -6.21 -20.31 5.82
N ILE A 180 -5.66 -19.32 5.14
CA ILE A 180 -4.81 -19.60 3.99
C ILE A 180 -3.29 -19.56 4.23
N ILE A 181 -2.88 -19.17 5.43
CA ILE A 181 -1.44 -19.11 5.73
C ILE A 181 -0.81 -20.47 5.48
N ALA A 182 0.39 -20.46 4.89
CA ALA A 182 1.10 -21.68 4.56
C ALA A 182 1.76 -22.25 5.81
N CYS A 183 1.22 -23.36 6.32
CA CYS A 183 1.79 -24.02 7.48
C CYS A 183 1.33 -25.48 7.58
N LYS A 184 2.15 -26.31 8.21
CA LYS A 184 1.77 -27.69 8.53
C LYS A 184 0.66 -27.63 9.59
N ARG A 185 -0.58 -27.82 9.15
CA ARG A 185 -1.74 -27.71 10.02
C ARG A 185 -1.68 -28.71 11.19
N LYS A 186 -1.09 -29.88 10.95
CA LYS A 186 -0.89 -30.89 12.02
C LYS A 186 0.20 -30.53 13.05
N ASN A 187 0.68 -29.29 13.00
CA ASN A 187 1.65 -28.77 13.98
C ASN A 187 1.24 -27.34 14.37
N PRO A 188 0.66 -27.17 15.58
CA PRO A 188 0.15 -25.84 16.02
C PRO A 188 1.19 -24.71 15.99
N THR A 189 2.40 -25.01 16.48
CA THR A 189 3.53 -24.06 16.52
C THR A 189 3.85 -23.48 15.14
N SER A 190 3.69 -24.29 14.10
CA SER A 190 3.96 -23.86 12.74
C SER A 190 3.06 -22.70 12.35
N CYS A 191 1.76 -22.88 12.50
CA CYS A 191 0.79 -21.85 12.08
C CYS A 191 0.80 -20.63 12.98
N SER A 192 1.08 -20.82 14.27
CA SER A 192 1.24 -19.71 15.18
C SER A 192 2.35 -18.78 14.71
N ARG A 193 3.54 -19.37 14.54
CA ARG A 193 4.73 -18.66 14.03
C ARG A 193 4.41 -17.96 12.72
N ARG A 194 3.80 -18.67 11.79
CA ARG A 194 3.51 -18.12 10.47
C ARG A 194 2.63 -16.88 10.60
N PHE A 195 1.58 -17.00 11.40
CA PHE A 195 0.66 -15.90 11.62
C PHE A 195 1.35 -14.70 12.29
N TYR A 196 2.17 -14.97 13.31
CA TYR A 196 2.94 -13.94 13.98
C TYR A 196 3.74 -13.16 12.96
N GLN A 197 4.47 -13.88 12.11
CA GLN A 197 5.35 -13.23 11.14
C GLN A 197 4.59 -12.34 10.18
N LEU A 198 3.46 -12.82 9.69
CA LEU A 198 2.67 -12.06 8.72
C LEU A 198 2.04 -10.84 9.36
N THR A 199 1.61 -10.96 10.62
CA THR A 199 1.10 -9.81 11.36
C THR A 199 2.20 -8.77 11.57
N LYS A 200 3.41 -9.25 11.80
CA LYS A 200 4.56 -8.37 11.93
C LYS A 200 4.86 -7.68 10.60
N LEU A 201 4.79 -8.42 9.51
CA LEU A 201 5.09 -7.84 8.20
C LEU A 201 4.07 -6.76 7.84
N LEU A 202 2.79 -7.05 8.05
CA LEU A 202 1.74 -6.06 7.80
C LEU A 202 1.95 -4.80 8.63
N ASP A 203 2.27 -4.97 9.91
CA ASP A 203 2.58 -3.84 10.78
C ASP A 203 3.71 -2.97 10.22
N SER A 204 4.69 -3.59 9.56
CA SER A 204 5.86 -2.87 9.07
C SER A 204 5.58 -2.01 7.82
N VAL A 205 4.39 -2.11 7.24
CA VAL A 205 3.98 -1.25 6.13
C VAL A 205 3.62 0.18 6.59
N GLN A 206 3.12 0.30 7.81
CA GLN A 206 2.57 1.55 8.31
C GLN A 206 3.60 2.67 8.55
N PRO A 207 4.70 2.38 9.25
CA PRO A 207 5.75 3.40 9.37
C PRO A 207 6.30 3.86 8.02
N ILE A 208 6.36 2.94 7.05
CA ILE A 208 6.85 3.23 5.70
C ILE A 208 5.85 4.16 5.01
N ALA A 209 4.57 3.81 5.09
CA ALA A 209 3.51 4.64 4.52
C ALA A 209 3.53 6.05 5.13
N ARG A 210 3.84 6.13 6.42
CA ARG A 210 3.92 7.40 7.12
C ARG A 210 5.09 8.28 6.63
N GLU A 211 6.23 7.66 6.41
CA GLU A 211 7.39 8.37 5.89
C GLU A 211 7.13 8.93 4.50
N LEU A 212 6.37 8.17 3.71
CA LEU A 212 6.00 8.59 2.37
C LEU A 212 4.95 9.66 2.44
N HIS A 213 4.01 9.48 3.35
CA HIS A 213 3.00 10.48 3.56
C HIS A 213 3.63 11.82 3.88
N GLN A 214 4.66 11.80 4.70
CA GLN A 214 5.33 13.01 5.14
C GLN A 214 6.09 13.68 4.00
N PHE A 215 6.71 12.85 3.17
CA PHE A 215 7.54 13.32 2.08
C PHE A 215 6.70 14.01 1.01
N THR A 216 5.62 13.33 0.62
CA THR A 216 4.70 13.83 -0.40
C THR A 216 3.98 15.10 0.06
N PHE A 217 3.68 15.15 1.35
CA PHE A 217 2.99 16.29 1.93
C PHE A 217 3.89 17.51 1.89
N ASP A 218 5.15 17.33 2.30
CA ASP A 218 6.11 18.41 2.26
C ASP A 218 6.37 18.81 0.83
N LEU A 219 6.47 17.82 -0.04
CA LEU A 219 6.71 18.06 -1.45
C LEU A 219 5.60 18.87 -2.09
N LEU A 220 4.36 18.54 -1.75
CA LEU A 220 3.21 19.28 -2.24
C LEU A 220 3.26 20.74 -1.83
N ILE A 221 3.59 21.00 -0.57
CA ILE A 221 3.71 22.37 -0.05
C ILE A 221 4.73 23.20 -0.85
N LYS A 222 5.83 22.57 -1.29
CA LYS A 222 6.87 23.31 -2.02
C LYS A 222 6.90 23.03 -3.53
N SER A 223 5.80 22.50 -4.07
CA SER A 223 5.79 21.98 -5.45
C SER A 223 5.97 23.07 -6.50
N HIS A 224 5.41 24.24 -6.23
CA HIS A 224 5.55 25.40 -7.11
C HIS A 224 6.97 26.02 -7.18
N MET A 225 7.92 25.54 -6.36
CA MET A 225 9.32 25.96 -6.45
C MET A 225 10.23 24.92 -7.11
N VAL A 226 9.98 23.65 -6.84
CA VAL A 226 10.78 22.54 -7.41
C VAL A 226 10.22 22.00 -8.74
N SER A 227 9.08 22.53 -9.18
CA SER A 227 8.48 22.24 -10.51
C SER A 227 7.91 20.83 -10.66
N VAL A 228 7.28 20.31 -9.60
CA VAL A 228 6.68 18.96 -9.61
C VAL A 228 5.15 19.07 -9.74
N ASP A 229 4.59 18.31 -10.69
CA ASP A 229 3.14 18.34 -10.95
C ASP A 229 2.40 17.36 -10.05
N PHE A 230 1.31 17.83 -9.45
CA PHE A 230 0.41 16.98 -8.67
C PHE A 230 -0.95 16.89 -9.36
N PRO A 231 -1.33 15.69 -9.83
CA PRO A 231 -2.66 15.42 -10.37
C PRO A 231 -3.81 15.70 -9.38
N GLU A 232 -5.02 15.81 -9.91
CA GLU A 232 -6.11 16.48 -9.20
C GLU A 232 -6.60 15.72 -7.98
N MET A 233 -6.91 14.43 -8.17
CA MET A 233 -7.36 13.57 -7.09
C MET A 233 -6.23 13.37 -6.07
N MET A 234 -5.04 13.17 -6.61
CA MET A 234 -3.78 13.17 -5.87
C MET A 234 -3.71 14.28 -4.82
N ALA A 235 -3.76 15.52 -5.31
CA ALA A 235 -3.56 16.69 -4.48
C ALA A 235 -4.66 16.89 -3.44
N GLU A 236 -5.86 16.44 -3.78
CA GLU A 236 -7.00 16.51 -2.87
C GLU A 236 -6.68 15.67 -1.65
N ILE A 237 -6.29 14.43 -1.91
CA ILE A 237 -5.96 13.49 -0.87
C ILE A 237 -4.83 14.03 0.00
N ILE A 238 -3.75 14.46 -0.62
CA ILE A 238 -2.57 14.88 0.13
C ILE A 238 -2.82 16.11 0.99
N SER A 239 -3.67 17.02 0.52
CA SER A 239 -3.94 18.28 1.26
C SER A 239 -5.06 18.14 2.32
N VAL A 240 -5.87 17.10 2.22
CA VAL A 240 -7.04 16.99 3.08
C VAL A 240 -6.98 15.76 3.98
N GLN A 241 -6.64 14.61 3.43
CA GLN A 241 -6.66 13.38 4.21
C GLN A 241 -5.32 13.12 4.90
N VAL A 242 -4.22 13.28 4.19
CA VAL A 242 -2.93 12.95 4.74
C VAL A 242 -2.59 13.73 6.02
N PRO A 243 -2.90 15.04 6.06
CA PRO A 243 -2.64 15.77 7.30
C PRO A 243 -3.39 15.21 8.52
N LYS A 244 -4.55 14.58 8.32
CA LYS A 244 -5.27 13.96 9.43
C LYS A 244 -4.43 12.81 9.97
N ILE A 245 -3.79 12.10 9.08
CA ILE A 245 -2.86 11.06 9.46
C ILE A 245 -1.66 11.67 10.18
N LEU A 246 -0.97 12.60 9.52
CA LEU A 246 0.23 13.21 10.10
C LEU A 246 -0.02 13.91 11.43
N SER A 247 -1.26 14.36 11.69
CA SER A 247 -1.59 15.06 12.94
C SER A 247 -2.13 14.17 14.08
N GLY A 248 -2.21 12.85 13.87
CA GLY A 248 -2.72 11.92 14.88
C GLY A 248 -4.22 11.72 14.91
N LYS A 249 -4.95 12.40 14.03
CA LYS A 249 -6.41 12.26 13.97
C LYS A 249 -6.83 10.91 13.41
N VAL A 250 -5.96 10.33 12.60
CA VAL A 250 -6.25 9.08 11.89
C VAL A 250 -5.03 8.19 12.08
N LYS A 251 -5.24 7.02 12.66
CA LYS A 251 -4.16 6.16 13.06
C LYS A 251 -4.27 4.77 12.44
N PRO A 252 -3.13 4.10 12.28
CA PRO A 252 -3.11 2.73 11.79
C PRO A 252 -3.50 1.76 12.88
N ILE A 253 -4.24 0.73 12.50
CA ILE A 253 -4.57 -0.33 13.42
C ILE A 253 -3.40 -1.30 13.39
N TYR A 254 -2.71 -1.43 14.52
CA TYR A 254 -1.58 -2.35 14.60
C TYR A 254 -2.03 -3.65 15.21
N PHE A 255 -1.46 -4.75 14.73
CA PHE A 255 -1.59 -6.03 15.42
C PHE A 255 -0.82 -6.02 16.71
N HIS A 256 0.41 -5.50 16.66
CA HIS A 256 1.33 -5.55 17.80
C HIS A 256 1.65 -4.15 18.24
N THR A 257 1.66 -3.96 19.56
CA THR A 257 1.98 -2.66 20.13
C THR A 257 3.46 -2.36 19.95
N GLN A 258 3.74 -1.09 19.60
CA GLN A 258 5.05 -0.67 19.10
C GLN A 258 5.96 -0.21 20.25
C1 GOL B . 18.58 17.73 -10.07
O1 GOL B . 17.48 17.79 -10.99
C2 GOL B . 18.22 16.79 -8.92
O2 GOL B . 18.15 15.45 -9.39
C3 GOL B . 19.24 16.77 -7.80
O3 GOL B . 18.72 15.87 -6.80
C1 GOL C . -8.83 -4.60 -11.09
O1 GOL C . -9.99 -5.39 -10.85
C2 GOL C . -9.25 -3.19 -11.46
O2 GOL C . -8.47 -2.29 -10.68
C3 GOL C . -9.04 -2.91 -12.96
O3 GOL C . -10.06 -2.04 -13.45
C4 77U D . 5.14 10.43 -4.67
C7 77U D . 6.15 9.78 -3.71
C8 77U D . 6.05 8.30 -4.09
C10 77U D . 4.32 6.88 -4.97
C13 77U D . 3.71 4.51 -6.30
C1 77U D . 2.69 9.66 -4.44
C2 77U D . 4.08 9.33 -4.98
O6 77U D . 4.58 11.60 -4.07
N9 77U D . 4.59 8.09 -4.31
C11 77U D . 3.73 6.90 -6.24
C12 77U D . 3.43 5.73 -6.91
C14 77U D . 3.41 3.29 -6.99
N15 77U D . 3.13 2.38 -7.62
C16 77U D . 4.30 4.47 -5.02
CL1 77U D . 4.67 2.96 -4.25
C18 77U D . 4.60 5.65 -4.36
C19 77U D . 5.21 5.55 -2.99
#